data_9HWV
#
_entry.id   9HWV
#
_cell.length_a   103.128
_cell.length_b   103.128
_cell.length_c   54.923
_cell.angle_alpha   90.000
_cell.angle_beta   90.000
_cell.angle_gamma   120.000
#
_symmetry.space_group_name_H-M   'P 61'
#
loop_
_entity.id
_entity.type
_entity.pdbx_description
1 polymer 'Kelch-like ECH-associated protein 1'
2 non-polymer '(3~{S})-3-(1,3-benzodioxol-5-yl)-3-[7-[2-[[(1~{R})-cyclohex-2-en-1-yl]amino]-2-oxidanylidene-ethoxy]naphthalen-2-yl]propanoic acid'
3 non-polymer 'SULFATE ION'
4 non-polymer 'CHLORIDE ION'
5 non-polymer 'DIMETHYL SULFOXIDE'
6 water water
#
_entity_poly.entity_id   1
_entity_poly.type   'polypeptide(L)'
_entity_poly.pdbx_seq_one_letter_code
;GPKVGRLIYTAGGYFRQSLSYLEAYNPSNGSWLRLADLQVPRSGLAGCVVGGLLYAVGGRNNSPDGNTDSSALDCYNPMT
NQWSPCASMSVPRNRIGVGVIDGHIYAVGGSHGCIHHSSVERYEPERDEWHLVAPMLTRRIGVGVAVLNRLLYAVGGFDG
TNRLNSAECYYPERNEWRMITPMNTIRSGAGVCVLHNCIYAAGGYDGQDQLNSVERYDVETETWTFVAPMRHHRSALGIT
VHQGKIYVLGGYDGHTFLDSVECYDPDSDTWSEVTRMTSGRSGVGVAVTMEPCRKQIDQQNCTC
;
_entity_poly.pdbx_strand_id   A
#
loop_
_chem_comp.id
_chem_comp.type
_chem_comp.name
_chem_comp.formula
A1IXZ non-polymer '(3~{S})-3-(1,3-benzodioxol-5-yl)-3-[7-[2-[[(1~{R})-cyclohex-2-en-1-yl]amino]-2-oxidanylidene-ethoxy]naphthalen-2-yl]propanoic acid' 'C28 H27 N O6'
CL non-polymer 'CHLORIDE ION' 'Cl -1'
DMS non-polymer 'DIMETHYL SULFOXIDE' 'C2 H6 O S'
SO4 non-polymer 'SULFATE ION' 'O4 S -2'
#
# COMPACT_ATOMS: atom_id res chain seq x y z
N LYS A 3 6.44 7.74 20.97
CA LYS A 3 7.00 7.33 19.69
C LYS A 3 7.65 5.94 19.72
N VAL A 4 8.14 5.52 20.91
CA VAL A 4 8.90 4.28 20.99
C VAL A 4 7.98 3.07 20.85
N GLY A 5 8.59 1.93 20.52
CA GLY A 5 7.90 0.66 20.56
C GLY A 5 7.04 0.36 19.35
N ARG A 6 7.23 1.05 18.24
CA ARG A 6 6.45 0.80 17.04
C ARG A 6 7.23 -0.12 16.10
N LEU A 7 6.53 -1.00 15.42
CA LEU A 7 7.08 -1.95 14.48
C LEU A 7 6.50 -1.75 13.10
N ILE A 8 7.24 -2.15 12.07
CA ILE A 8 6.74 -2.18 10.71
C ILE A 8 6.15 -3.56 10.46
N TYR A 9 4.85 -3.59 10.23
CA TYR A 9 4.13 -4.85 10.01
C TYR A 9 3.94 -5.10 8.51
N THR A 10 4.18 -6.33 8.09
CA THR A 10 3.96 -6.72 6.71
C THR A 10 2.99 -7.89 6.71
N ALA A 11 1.90 -7.75 5.97
CA ALA A 11 0.82 -8.72 5.96
C ALA A 11 0.64 -9.24 4.55
N GLY A 12 0.49 -10.56 4.44
CA GLY A 12 0.17 -11.18 3.17
C GLY A 12 1.33 -11.15 2.18
N GLY A 13 0.97 -11.16 0.91
CA GLY A 13 1.93 -11.09 -0.17
C GLY A 13 1.82 -12.28 -1.10
N TYR A 14 2.79 -12.38 -1.97
CA TYR A 14 2.80 -13.36 -3.03
C TYR A 14 4.20 -13.90 -3.29
N PHE A 15 4.28 -15.23 -3.29
CA PHE A 15 5.43 -15.95 -3.81
C PHE A 15 4.90 -17.32 -4.19
N ARG A 16 4.73 -17.57 -5.49
CA ARG A 16 4.16 -18.81 -6.01
C ARG A 16 2.65 -18.86 -5.79
N GLN A 17 2.18 -18.39 -4.63
CA GLN A 17 0.75 -18.27 -4.33
C GLN A 17 0.62 -17.13 -3.33
N SER A 18 -0.61 -16.72 -3.04
CA SER A 18 -0.85 -15.70 -2.02
C SER A 18 -0.54 -16.27 -0.64
N LEU A 19 -0.08 -15.39 0.24
CA LEU A 19 0.51 -15.76 1.52
C LEU A 19 -0.32 -15.22 2.67
N SER A 20 -0.27 -15.94 3.81
CA SER A 20 -0.99 -15.51 5.00
C SER A 20 -0.09 -14.87 6.06
N TYR A 21 1.19 -14.63 5.77
CA TYR A 21 2.12 -14.24 6.81
C TYR A 21 1.79 -12.86 7.37
N LEU A 22 1.95 -12.74 8.69
CA LEU A 22 2.01 -11.44 9.34
C LEU A 22 3.34 -11.40 10.10
N GLU A 23 4.24 -10.53 9.70
CA GLU A 23 5.56 -10.43 10.32
C GLU A 23 5.84 -8.97 10.62
N ALA A 24 6.57 -8.72 11.68
CA ALA A 24 6.80 -7.36 12.13
C ALA A 24 8.27 -7.17 12.41
N TYR A 25 8.80 -6.06 11.90
CA TYR A 25 10.21 -5.70 11.97
C TYR A 25 10.37 -4.53 12.93
N ASN A 26 11.38 -4.63 13.78
CA ASN A 26 11.70 -3.59 14.75
C ASN A 26 12.93 -2.84 14.26
N PRO A 27 12.79 -1.62 13.73
CA PRO A 27 13.98 -0.90 13.25
C PRO A 27 14.99 -0.62 14.33
N SER A 28 14.58 -0.63 15.60
N SER A 28 14.58 -0.63 15.60
CA SER A 28 15.50 -0.28 16.66
CA SER A 28 15.52 -0.26 16.65
C SER A 28 16.49 -1.38 16.98
C SER A 28 16.51 -1.38 16.95
N ASN A 29 16.13 -2.66 16.76
CA ASN A 29 17.04 -3.75 17.04
C ASN A 29 17.23 -4.74 15.89
N GLY A 30 16.61 -4.52 14.74
CA GLY A 30 16.76 -5.39 13.60
C GLY A 30 15.98 -6.69 13.65
N SER A 31 15.16 -6.90 14.67
CA SER A 31 14.51 -8.19 14.84
C SER A 31 13.22 -8.29 14.04
N TRP A 32 12.89 -9.52 13.66
CA TRP A 32 11.61 -9.84 13.04
C TRP A 32 10.84 -10.79 13.94
N LEU A 33 9.54 -10.60 13.99
CA LEU A 33 8.64 -11.47 14.71
C LEU A 33 7.61 -12.03 13.75
N ARG A 34 7.34 -13.33 13.84
CA ARG A 34 6.21 -13.90 13.09
C ARG A 34 4.98 -13.94 14.01
N LEU A 35 3.90 -13.34 13.55
CA LEU A 35 2.68 -13.16 14.34
C LEU A 35 1.54 -13.96 13.72
N ALA A 36 0.33 -13.74 14.22
CA ALA A 36 -0.80 -14.57 13.81
C ALA A 36 -1.05 -14.45 12.31
N ASP A 37 -1.17 -15.58 11.63
CA ASP A 37 -1.46 -15.57 10.21
C ASP A 37 -2.83 -14.93 9.94
N LEU A 38 -2.94 -14.28 8.78
CA LEU A 38 -4.26 -13.93 8.25
C LEU A 38 -5.15 -15.16 8.16
N GLN A 39 -6.45 -14.94 8.35
CA GLN A 39 -7.41 -16.02 8.22
C GLN A 39 -7.47 -16.55 6.78
N VAL A 40 -7.32 -15.67 5.80
CA VAL A 40 -7.33 -16.01 4.38
C VAL A 40 -6.06 -15.44 3.76
N PRO A 41 -5.26 -16.24 3.05
CA PRO A 41 -4.06 -15.66 2.41
C PRO A 41 -4.48 -14.63 1.38
N ARG A 42 -3.73 -13.55 1.30
CA ARG A 42 -4.05 -12.54 0.32
C ARG A 42 -2.79 -11.85 -0.17
N SER A 43 -2.78 -11.53 -1.47
CA SER A 43 -1.80 -10.65 -2.10
C SER A 43 -2.54 -9.44 -2.69
N GLY A 44 -1.81 -8.36 -2.94
CA GLY A 44 -2.48 -7.25 -3.58
C GLY A 44 -3.41 -6.52 -2.65
N LEU A 45 -3.22 -6.72 -1.34
CA LEU A 45 -3.99 -6.04 -0.30
C LEU A 45 -3.24 -4.79 0.15
N ALA A 46 -3.89 -4.00 0.98
CA ALA A 46 -3.27 -2.83 1.58
C ALA A 46 -3.43 -2.94 3.08
N GLY A 47 -2.47 -2.38 3.79
CA GLY A 47 -2.51 -2.30 5.24
C GLY A 47 -2.63 -0.86 5.68
N CYS A 48 -3.29 -0.66 6.81
CA CYS A 48 -3.32 0.66 7.42
C CYS A 48 -3.62 0.49 8.89
N VAL A 49 -3.48 1.58 9.65
CA VAL A 49 -3.65 1.53 11.09
C VAL A 49 -4.57 2.67 11.51
N VAL A 50 -5.57 2.33 12.33
CA VAL A 50 -6.45 3.31 12.96
C VAL A 50 -6.64 2.89 14.41
N GLY A 51 -6.43 3.83 15.33
CA GLY A 51 -6.64 3.52 16.73
C GLY A 51 -5.79 2.37 17.24
N GLY A 52 -4.59 2.22 16.72
CA GLY A 52 -3.69 1.19 17.15
C GLY A 52 -3.97 -0.17 16.58
N LEU A 53 -5.07 -0.35 15.84
CA LEU A 53 -5.38 -1.62 15.22
C LEU A 53 -4.91 -1.63 13.78
N LEU A 54 -4.42 -2.78 13.35
CA LEU A 54 -3.93 -2.96 11.99
C LEU A 54 -5.05 -3.54 11.15
N TYR A 55 -5.29 -2.93 10.00
CA TYR A 55 -6.33 -3.39 9.09
C TYR A 55 -5.72 -3.93 7.81
N ALA A 56 -6.22 -5.07 7.34
CA ALA A 56 -5.86 -5.66 6.06
C ALA A 56 -7.08 -5.53 5.17
N VAL A 57 -6.91 -4.90 4.02
CA VAL A 57 -8.02 -4.48 3.17
C VAL A 57 -7.87 -5.08 1.76
N GLY A 58 -8.90 -5.83 1.32
CA GLY A 58 -8.91 -6.26 -0.07
C GLY A 58 -7.84 -7.29 -0.39
N GLY A 59 -7.48 -7.32 -1.67
CA GLY A 59 -6.53 -8.27 -2.18
C GLY A 59 -7.18 -9.40 -2.96
N ARG A 60 -6.41 -10.48 -3.10
CA ARG A 60 -6.83 -11.66 -3.84
C ARG A 60 -6.14 -12.86 -3.22
N ASN A 61 -6.87 -13.96 -3.12
CA ASN A 61 -6.26 -15.22 -2.73
C ASN A 61 -6.00 -16.03 -4.01
N ASN A 62 -4.74 -16.01 -4.48
N ASN A 62 -4.74 -16.06 -4.45
CA ASN A 62 -4.26 -16.93 -5.50
CA ASN A 62 -4.30 -16.93 -5.54
C ASN A 62 -3.84 -18.24 -4.85
C ASN A 62 -3.80 -18.23 -4.93
N SER A 63 -4.37 -19.35 -5.34
CA SER A 63 -3.97 -20.65 -4.82
C SER A 63 -3.92 -21.61 -6.00
N PRO A 64 -3.36 -22.80 -5.83
CA PRO A 64 -3.48 -23.81 -6.90
C PRO A 64 -4.91 -24.05 -7.31
N ASP A 65 -5.87 -23.88 -6.38
CA ASP A 65 -7.28 -24.14 -6.65
C ASP A 65 -8.08 -22.90 -7.09
N GLY A 66 -7.40 -21.82 -7.51
CA GLY A 66 -8.09 -20.70 -8.13
C GLY A 66 -7.73 -19.37 -7.52
N ASN A 67 -8.44 -18.33 -7.95
CA ASN A 67 -8.18 -16.97 -7.53
C ASN A 67 -9.49 -16.33 -7.11
N THR A 68 -9.53 -15.86 -5.86
CA THR A 68 -10.71 -15.19 -5.35
C THR A 68 -10.34 -13.77 -4.93
N ASP A 69 -10.93 -12.77 -5.59
CA ASP A 69 -10.72 -11.39 -5.19
C ASP A 69 -11.46 -11.12 -3.89
N SER A 70 -10.86 -10.30 -3.03
CA SER A 70 -11.35 -10.13 -1.68
C SER A 70 -12.05 -8.78 -1.50
N SER A 71 -13.23 -8.82 -0.87
CA SER A 71 -13.89 -7.64 -0.33
C SER A 71 -13.64 -7.47 1.16
N ALA A 72 -12.72 -8.24 1.72
CA ALA A 72 -12.61 -8.33 3.17
C ALA A 72 -11.91 -7.14 3.78
N LEU A 73 -12.33 -6.84 5.01
CA LEU A 73 -11.62 -5.96 5.92
C LEU A 73 -11.45 -6.77 7.20
N ASP A 74 -10.20 -7.01 7.59
CA ASP A 74 -9.89 -7.74 8.81
C ASP A 74 -9.00 -6.87 9.68
N CYS A 75 -9.16 -7.02 10.99
N CYS A 75 -9.21 -6.91 10.99
CA CYS A 75 -8.52 -6.15 11.98
CA CYS A 75 -8.44 -6.08 11.89
C CYS A 75 -7.64 -7.00 12.89
C CYS A 75 -7.63 -6.98 12.84
N TYR A 76 -6.38 -6.61 13.04
CA TYR A 76 -5.45 -7.29 13.93
C TYR A 76 -5.20 -6.40 15.14
N ASN A 77 -5.35 -6.98 16.32
CA ASN A 77 -5.09 -6.27 17.56
C ASN A 77 -3.77 -6.74 18.12
N PRO A 78 -2.73 -5.91 18.15
CA PRO A 78 -1.44 -6.36 18.70
C PRO A 78 -1.51 -6.76 20.17
N MET A 79 -2.47 -6.25 20.92
N MET A 79 -2.47 -6.25 20.92
CA MET A 79 -2.56 -6.59 22.34
CA MET A 79 -2.56 -6.59 22.33
C MET A 79 -2.99 -8.04 22.55
C MET A 79 -2.98 -8.04 22.54
N THR A 80 -3.70 -8.62 21.58
CA THR A 80 -4.17 -10.01 21.67
C THR A 80 -3.52 -10.95 20.66
N ASN A 81 -2.80 -10.41 19.68
CA ASN A 81 -2.26 -11.22 18.58
C ASN A 81 -3.37 -12.04 17.91
N GLN A 82 -4.51 -11.39 17.69
CA GLN A 82 -5.66 -12.01 17.05
C GLN A 82 -6.23 -11.12 15.95
N TRP A 83 -6.63 -11.78 14.85
CA TRP A 83 -7.40 -11.14 13.79
C TRP A 83 -8.89 -11.35 14.03
N SER A 84 -9.66 -10.31 13.72
CA SER A 84 -11.11 -10.33 13.77
C SER A 84 -11.65 -9.82 12.45
N PRO A 85 -12.73 -10.41 11.94
N PRO A 85 -12.69 -10.44 11.90
CA PRO A 85 -13.35 -9.87 10.73
CA PRO A 85 -13.32 -9.87 10.70
C PRO A 85 -14.10 -8.59 11.04
C PRO A 85 -14.09 -8.60 11.03
N CYS A 86 -14.03 -7.66 10.11
CA CYS A 86 -14.85 -6.45 10.13
C CYS A 86 -15.80 -6.48 8.97
N ALA A 87 -16.61 -5.43 8.85
CA ALA A 87 -17.56 -5.36 7.75
C ALA A 87 -16.80 -5.39 6.42
N SER A 88 -17.37 -6.11 5.46
CA SER A 88 -16.79 -6.21 4.14
C SER A 88 -17.17 -5.01 3.28
N MET A 89 -16.31 -4.73 2.30
CA MET A 89 -16.55 -3.68 1.33
C MET A 89 -17.68 -4.07 0.37
N SER A 90 -18.15 -3.07 -0.38
CA SER A 90 -19.23 -3.30 -1.33
C SER A 90 -18.84 -4.24 -2.47
N VAL A 91 -17.55 -4.37 -2.76
N VAL A 91 -17.55 -4.31 -2.79
CA VAL A 91 -17.06 -5.02 -3.96
CA VAL A 91 -17.06 -5.09 -3.93
C VAL A 91 -15.67 -5.58 -3.68
C VAL A 91 -15.70 -5.67 -3.57
N PRO A 92 -15.29 -6.71 -4.29
CA PRO A 92 -13.91 -7.16 -4.15
C PRO A 92 -12.96 -6.17 -4.83
N ARG A 93 -11.78 -6.02 -4.25
CA ARG A 93 -10.78 -5.07 -4.75
C ARG A 93 -9.39 -5.65 -4.58
N ASN A 94 -8.87 -6.24 -5.66
CA ASN A 94 -7.47 -6.69 -5.69
C ASN A 94 -6.62 -5.54 -6.21
N ARG A 95 -5.38 -5.49 -5.76
N ARG A 95 -5.38 -5.48 -5.76
CA ARG A 95 -4.45 -4.43 -6.19
CA ARG A 95 -4.45 -4.44 -6.18
C ARG A 95 -5.06 -3.07 -5.83
C ARG A 95 -5.06 -3.07 -5.83
N ILE A 96 -5.54 -3.00 -4.59
CA ILE A 96 -6.22 -1.83 -4.02
C ILE A 96 -5.21 -0.82 -3.50
N GLY A 97 -5.68 0.40 -3.33
CA GLY A 97 -4.97 1.41 -2.57
C GLY A 97 -5.84 1.87 -1.42
N VAL A 98 -5.21 2.17 -0.28
N VAL A 98 -5.20 2.27 -0.32
CA VAL A 98 -5.95 2.69 0.86
CA VAL A 98 -5.88 2.63 0.92
C VAL A 98 -5.25 3.92 1.44
C VAL A 98 -5.23 3.87 1.54
N GLY A 99 -6.06 4.78 2.04
CA GLY A 99 -5.57 5.89 2.82
C GLY A 99 -6.51 6.15 3.97
N VAL A 100 -5.99 6.75 5.03
CA VAL A 100 -6.75 7.07 6.22
C VAL A 100 -6.83 8.58 6.37
N ILE A 101 -8.04 9.09 6.54
CA ILE A 101 -8.29 10.48 6.88
C ILE A 101 -9.15 10.51 8.13
N ASP A 102 -8.65 11.18 9.17
CA ASP A 102 -9.42 11.43 10.38
C ASP A 102 -10.14 10.18 10.87
N GLY A 103 -9.39 9.08 10.94
CA GLY A 103 -9.90 7.87 11.53
C GLY A 103 -10.78 7.05 10.62
N HIS A 104 -10.91 7.42 9.36
CA HIS A 104 -11.73 6.70 8.40
C HIS A 104 -10.84 6.11 7.32
N ILE A 105 -11.14 4.89 6.91
CA ILE A 105 -10.35 4.19 5.89
C ILE A 105 -11.01 4.36 4.54
N TYR A 106 -10.26 4.86 3.56
CA TYR A 106 -10.71 4.95 2.19
C TYR A 106 -10.09 3.83 1.38
N ALA A 107 -10.94 3.05 0.73
CA ALA A 107 -10.54 1.98 -0.17
C ALA A 107 -10.77 2.46 -1.61
N VAL A 108 -9.72 2.40 -2.42
CA VAL A 108 -9.66 3.07 -3.72
C VAL A 108 -9.37 2.05 -4.81
N GLY A 109 -10.24 1.98 -5.81
CA GLY A 109 -9.88 1.27 -7.01
C GLY A 109 -9.77 -0.23 -6.84
N GLY A 110 -8.82 -0.81 -7.57
CA GLY A 110 -8.62 -2.25 -7.53
C GLY A 110 -9.44 -2.96 -8.58
N SER A 111 -9.21 -4.25 -8.70
CA SER A 111 -9.85 -5.06 -9.71
C SER A 111 -10.75 -6.13 -9.09
N HIS A 112 -11.70 -6.58 -9.91
CA HIS A 112 -12.55 -7.71 -9.61
C HIS A 112 -12.67 -8.44 -10.94
N GLY A 113 -11.95 -9.52 -11.08
CA GLY A 113 -11.91 -10.16 -12.38
C GLY A 113 -11.38 -9.15 -13.38
N CYS A 114 -12.06 -9.04 -14.50
N CYS A 114 -12.06 -9.06 -14.52
CA CYS A 114 -11.65 -8.11 -15.55
CA CYS A 114 -11.67 -8.13 -15.57
C CYS A 114 -12.23 -6.72 -15.38
C CYS A 114 -12.14 -6.70 -15.34
N ILE A 115 -12.90 -6.46 -14.27
CA ILE A 115 -13.39 -5.12 -13.95
C ILE A 115 -12.28 -4.34 -13.27
N HIS A 116 -12.02 -3.14 -13.76
CA HIS A 116 -11.10 -2.19 -13.16
C HIS A 116 -11.93 -1.09 -12.53
N HIS A 117 -11.87 -0.97 -11.20
CA HIS A 117 -12.78 -0.03 -10.53
C HIS A 117 -12.27 1.41 -10.58
N SER A 118 -13.20 2.35 -10.79
CA SER A 118 -13.01 3.72 -10.34
C SER A 118 -13.65 4.00 -8.99
N SER A 119 -14.50 3.11 -8.48
CA SER A 119 -15.22 3.34 -7.23
C SER A 119 -14.29 3.43 -6.04
N VAL A 120 -14.80 4.13 -5.03
CA VAL A 120 -14.11 4.43 -3.79
C VAL A 120 -15.12 4.35 -2.66
N GLU A 121 -14.71 3.79 -1.52
CA GLU A 121 -15.60 3.67 -0.39
C GLU A 121 -14.85 3.95 0.90
N ARG A 122 -15.61 4.33 1.94
CA ARG A 122 -15.07 4.86 3.18
C ARG A 122 -15.63 4.07 4.36
N TYR A 123 -14.74 3.60 5.22
CA TYR A 123 -15.07 2.80 6.39
C TYR A 123 -15.02 3.65 7.65
N GLU A 124 -16.01 3.45 8.51
CA GLU A 124 -16.17 4.14 9.79
C GLU A 124 -15.97 3.10 10.88
N PRO A 125 -14.82 3.06 11.55
CA PRO A 125 -14.58 2.00 12.55
C PRO A 125 -15.57 2.01 13.70
N GLU A 126 -16.04 3.18 14.09
CA GLU A 126 -16.93 3.27 15.23
C GLU A 126 -18.31 2.69 14.94
N ARG A 127 -18.75 2.72 13.67
CA ARG A 127 -20.00 2.11 13.27
C ARG A 127 -19.81 0.75 12.58
N ASP A 128 -18.58 0.38 12.25
CA ASP A 128 -18.29 -0.85 11.49
C ASP A 128 -19.12 -0.90 10.21
N GLU A 129 -19.05 0.19 9.42
CA GLU A 129 -19.82 0.33 8.22
C GLU A 129 -18.96 0.95 7.11
N TRP A 130 -19.21 0.49 5.89
CA TRP A 130 -18.67 1.10 4.70
C TRP A 130 -19.76 1.86 3.96
N HIS A 131 -19.36 2.95 3.30
CA HIS A 131 -20.25 3.63 2.38
C HIS A 131 -19.46 4.16 1.20
N LEU A 132 -20.07 4.11 0.02
CA LEU A 132 -19.42 4.61 -1.19
C LEU A 132 -19.34 6.13 -1.15
N VAL A 133 -18.27 6.64 -1.73
CA VAL A 133 -18.08 8.08 -1.96
C VAL A 133 -17.91 8.31 -3.45
N ALA A 134 -17.57 9.53 -3.85
CA ALA A 134 -17.46 9.80 -5.27
C ALA A 134 -16.37 8.93 -5.90
N PRO A 135 -16.59 8.40 -7.10
CA PRO A 135 -15.57 7.59 -7.75
C PRO A 135 -14.51 8.50 -8.38
N MET A 136 -13.33 7.92 -8.56
CA MET A 136 -12.26 8.59 -9.26
C MET A 136 -12.63 8.92 -10.69
N LEU A 137 -11.87 9.86 -11.27
CA LEU A 137 -12.04 10.24 -12.66
C LEU A 137 -11.51 9.17 -13.62
N THR A 138 -10.71 8.24 -13.13
CA THR A 138 -10.07 7.19 -13.92
C THR A 138 -10.21 5.87 -13.18
N ARG A 139 -10.47 4.79 -13.90
CA ARG A 139 -10.35 3.46 -13.32
C ARG A 139 -8.88 3.16 -13.03
N ARG A 140 -8.58 2.61 -11.85
CA ARG A 140 -7.18 2.37 -11.49
C ARG A 140 -7.07 1.13 -10.62
N ILE A 141 -6.27 0.17 -11.08
CA ILE A 141 -5.79 -0.94 -10.26
C ILE A 141 -4.29 -0.83 -10.14
N GLY A 142 -3.75 -1.43 -9.09
CA GLY A 142 -2.34 -1.22 -8.82
C GLY A 142 -2.03 0.23 -8.56
N VAL A 143 -2.95 0.92 -7.90
CA VAL A 143 -2.93 2.34 -7.65
C VAL A 143 -2.24 2.60 -6.33
N GLY A 144 -1.38 3.61 -6.30
CA GLY A 144 -0.77 4.04 -5.06
C GLY A 144 -1.61 5.15 -4.43
N VAL A 145 -1.82 5.05 -3.12
CA VAL A 145 -2.67 5.98 -2.40
C VAL A 145 -1.93 6.49 -1.18
N ALA A 146 -2.03 7.78 -0.96
CA ALA A 146 -1.49 8.34 0.26
C ALA A 146 -2.30 9.56 0.62
N VAL A 147 -2.17 9.96 1.88
CA VAL A 147 -2.92 11.10 2.43
C VAL A 147 -1.93 12.12 2.95
N LEU A 148 -2.11 13.38 2.55
CA LEU A 148 -1.32 14.49 3.05
C LEU A 148 -2.26 15.64 3.34
N ASN A 149 -2.21 16.16 4.55
CA ASN A 149 -3.01 17.34 4.88
C ASN A 149 -4.49 17.08 4.64
N ARG A 150 -4.95 15.89 5.02
CA ARG A 150 -6.35 15.48 4.94
C ARG A 150 -6.92 15.55 3.53
N LEU A 151 -6.07 15.35 2.53
CA LEU A 151 -6.45 15.16 1.14
C LEU A 151 -5.91 13.81 0.69
N LEU A 152 -6.68 13.10 -0.12
CA LEU A 152 -6.37 11.73 -0.54
C LEU A 152 -5.90 11.74 -1.97
N TYR A 153 -4.75 11.13 -2.23
CA TYR A 153 -4.15 11.11 -3.56
C TYR A 153 -4.17 9.69 -4.11
N ALA A 154 -4.52 9.54 -5.39
CA ALA A 154 -4.48 8.26 -6.10
C ALA A 154 -3.52 8.45 -7.27
N VAL A 155 -2.51 7.61 -7.36
CA VAL A 155 -1.35 7.84 -8.21
C VAL A 155 -1.10 6.63 -9.10
N GLY A 156 -1.09 6.85 -10.41
CA GLY A 156 -0.70 5.79 -11.32
C GLY A 156 -1.71 4.66 -11.37
N GLY A 157 -1.20 3.48 -11.70
CA GLY A 157 -2.02 2.29 -11.83
C GLY A 157 -2.24 1.86 -13.27
N PHE A 158 -3.26 1.05 -13.46
CA PHE A 158 -3.63 0.46 -14.75
C PHE A 158 -5.14 0.56 -14.89
N ASP A 159 -5.61 1.10 -16.03
CA ASP A 159 -7.04 1.36 -16.21
C ASP A 159 -7.76 0.27 -16.96
N GLY A 160 -7.06 -0.81 -17.30
CA GLY A 160 -7.60 -1.89 -18.11
C GLY A 160 -7.04 -1.93 -19.51
N THR A 161 -6.49 -0.80 -19.97
CA THR A 161 -5.90 -0.70 -21.30
C THR A 161 -4.47 -0.15 -21.22
N ASN A 162 -4.26 0.91 -20.45
CA ASN A 162 -2.96 1.57 -20.35
C ASN A 162 -2.53 1.67 -18.89
N ARG A 163 -1.23 1.49 -18.67
CA ARG A 163 -0.63 1.90 -17.41
C ARG A 163 -0.52 3.42 -17.39
N LEU A 164 -0.60 4.00 -16.19
CA LEU A 164 -0.88 5.42 -16.04
C LEU A 164 0.26 6.19 -15.40
N ASN A 165 0.51 7.40 -15.93
CA ASN A 165 1.30 8.38 -15.19
C ASN A 165 0.40 9.41 -14.50
N SER A 166 -0.91 9.35 -14.74
CA SER A 166 -1.79 10.35 -14.16
C SER A 166 -1.99 10.14 -12.66
N ALA A 167 -2.48 11.19 -12.01
CA ALA A 167 -2.78 11.18 -10.60
C ALA A 167 -3.91 12.16 -10.31
N GLU A 168 -4.62 11.92 -9.22
CA GLU A 168 -5.76 12.74 -8.87
C GLU A 168 -5.87 12.82 -7.36
N CYS A 169 -6.60 13.83 -6.90
CA CYS A 169 -6.75 14.15 -5.50
C CYS A 169 -8.22 14.25 -5.15
N TYR A 170 -8.57 13.72 -3.98
CA TYR A 170 -9.93 13.73 -3.45
C TYR A 170 -10.01 14.74 -2.34
N TYR A 171 -11.02 15.60 -2.42
CA TYR A 171 -11.26 16.70 -1.49
C TYR A 171 -12.50 16.30 -0.70
N PRO A 172 -12.34 15.80 0.52
CA PRO A 172 -13.49 15.15 1.17
C PRO A 172 -14.68 16.06 1.38
N GLU A 173 -14.44 17.33 1.70
CA GLU A 173 -15.54 18.22 2.05
C GLU A 173 -16.37 18.57 0.82
N ARG A 174 -15.85 18.37 -0.38
CA ARG A 174 -16.65 18.52 -1.59
C ARG A 174 -17.01 17.21 -2.26
N ASN A 175 -16.55 16.09 -1.72
CA ASN A 175 -16.76 14.77 -2.28
C ASN A 175 -16.47 14.79 -3.78
N GLU A 176 -15.26 15.22 -4.12
N GLU A 176 -15.25 15.20 -4.11
CA GLU A 176 -14.90 15.52 -5.50
CA GLU A 176 -14.88 15.54 -5.47
C GLU A 176 -13.46 15.15 -5.74
C GLU A 176 -13.44 15.11 -5.73
N TRP A 177 -13.19 14.56 -6.90
CA TRP A 177 -11.84 14.28 -7.36
C TRP A 177 -11.44 15.29 -8.43
N ARG A 178 -10.15 15.64 -8.43
CA ARG A 178 -9.60 16.52 -9.46
C ARG A 178 -8.24 16.00 -9.87
N MET A 179 -7.94 16.06 -11.15
CA MET A 179 -6.61 15.66 -11.60
C MET A 179 -5.56 16.59 -11.03
N ILE A 180 -4.37 16.03 -10.76
CA ILE A 180 -3.18 16.78 -10.41
C ILE A 180 -2.17 16.62 -11.53
N THR A 181 -1.03 17.29 -11.42
CA THR A 181 0.02 17.12 -12.40
C THR A 181 0.36 15.65 -12.54
N PRO A 182 0.52 15.14 -13.75
CA PRO A 182 0.93 13.74 -13.91
C PRO A 182 2.40 13.53 -13.56
N MET A 183 2.70 12.31 -13.15
CA MET A 183 4.08 11.96 -12.90
C MET A 183 4.91 12.03 -14.17
N ASN A 184 6.23 12.07 -14.00
CA ASN A 184 7.11 11.97 -15.14
C ASN A 184 7.19 10.56 -15.72
N THR A 185 6.85 9.54 -14.95
CA THR A 185 6.95 8.15 -15.36
C THR A 185 5.62 7.46 -15.20
N ILE A 186 5.28 6.59 -16.16
CA ILE A 186 4.15 5.67 -16.02
C ILE A 186 4.50 4.66 -14.94
N ARG A 187 3.60 4.47 -13.98
CA ARG A 187 3.87 3.50 -12.92
C ARG A 187 2.59 2.80 -12.50
N SER A 188 2.57 1.48 -12.62
N SER A 188 2.53 1.48 -12.68
CA SER A 188 1.56 0.64 -12.00
CA SER A 188 1.56 0.65 -11.99
C SER A 188 2.25 -0.23 -10.95
C SER A 188 2.30 -0.13 -10.90
N GLY A 189 1.62 -0.36 -9.78
CA GLY A 189 2.20 -1.12 -8.71
C GLY A 189 3.37 -0.44 -8.04
N ALA A 190 3.37 0.89 -8.03
CA ALA A 190 4.39 1.60 -7.31
C ALA A 190 4.05 1.62 -5.84
N GLY A 191 5.06 1.89 -5.02
CA GLY A 191 4.83 2.23 -3.62
C GLY A 191 4.64 3.73 -3.49
N VAL A 192 3.54 4.11 -2.86
CA VAL A 192 3.19 5.52 -2.71
C VAL A 192 3.01 5.84 -1.23
N CYS A 193 3.67 6.91 -0.77
CA CYS A 193 3.52 7.22 0.63
C CYS A 193 3.72 8.75 0.75
N VAL A 194 3.66 9.26 1.97
N VAL A 194 3.60 9.29 1.96
CA VAL A 194 3.82 10.68 2.25
CA VAL A 194 3.82 10.71 2.22
C VAL A 194 4.98 10.88 3.21
C VAL A 194 4.97 10.88 3.19
N LEU A 195 5.82 11.87 2.91
CA LEU A 195 6.91 12.23 3.80
C LEU A 195 7.11 13.73 3.70
N HIS A 196 7.03 14.41 4.83
CA HIS A 196 7.09 15.87 4.88
C HIS A 196 5.96 16.39 3.98
N ASN A 197 6.22 17.29 3.05
CA ASN A 197 5.15 17.89 2.27
C ASN A 197 5.01 17.28 0.89
N CYS A 198 5.51 16.07 0.72
CA CYS A 198 5.53 15.42 -0.57
C CYS A 198 4.91 14.05 -0.61
N ILE A 199 4.34 13.72 -1.77
N ILE A 199 4.30 13.75 -1.74
CA ILE A 199 3.84 12.39 -2.07
CA ILE A 199 3.87 12.40 -2.04
C ILE A 199 4.88 11.67 -2.91
C ILE A 199 5.02 11.77 -2.80
N TYR A 200 5.44 10.59 -2.38
CA TYR A 200 6.47 9.86 -3.07
C TYR A 200 5.88 8.69 -3.82
N ALA A 201 6.41 8.44 -5.03
CA ALA A 201 6.04 7.29 -5.84
C ALA A 201 7.34 6.57 -6.17
N ALA A 202 7.51 5.36 -5.63
CA ALA A 202 8.74 4.60 -5.75
C ALA A 202 8.49 3.33 -6.56
N GLY A 203 9.35 3.08 -7.57
CA GLY A 203 9.26 1.82 -8.28
C GLY A 203 7.99 1.70 -9.10
N GLY A 204 7.58 0.47 -9.30
CA GLY A 204 6.45 0.18 -10.15
C GLY A 204 6.91 -0.46 -11.46
N TYR A 205 5.95 -0.54 -12.37
CA TYR A 205 6.17 -1.11 -13.69
C TYR A 205 5.61 -0.11 -14.70
N ASP A 206 6.43 0.23 -15.70
CA ASP A 206 6.06 1.26 -16.67
C ASP A 206 5.43 0.67 -17.92
N GLY A 207 5.17 -0.64 -17.93
CA GLY A 207 4.69 -1.35 -19.10
C GLY A 207 5.79 -2.08 -19.82
N GLN A 208 7.04 -1.81 -19.48
CA GLN A 208 8.18 -2.43 -20.13
C GLN A 208 9.13 -3.03 -19.09
N ASP A 209 9.46 -2.29 -18.03
CA ASP A 209 10.44 -2.79 -17.09
C ASP A 209 9.98 -2.40 -15.68
N GLN A 210 10.46 -3.18 -14.70
CA GLN A 210 10.36 -2.76 -13.31
C GLN A 210 11.30 -1.58 -13.08
N LEU A 211 10.86 -0.66 -12.22
CA LEU A 211 11.54 0.61 -12.04
C LEU A 211 12.29 0.70 -10.72
N ASN A 212 13.46 1.33 -10.73
CA ASN A 212 14.08 1.77 -9.48
C ASN A 212 13.91 3.26 -9.22
N SER A 213 13.34 4.00 -10.17
CA SER A 213 13.26 5.43 -9.99
C SER A 213 12.20 5.77 -8.95
N VAL A 214 12.36 6.95 -8.38
CA VAL A 214 11.50 7.46 -7.31
C VAL A 214 11.27 8.95 -7.60
N GLU A 215 10.01 9.37 -7.56
CA GLU A 215 9.70 10.80 -7.75
C GLU A 215 8.75 11.28 -6.67
N ARG A 216 8.79 12.58 -6.39
CA ARG A 216 7.94 13.11 -5.34
C ARG A 216 7.21 14.34 -5.80
N TYR A 217 5.95 14.43 -5.38
CA TYR A 217 5.05 15.51 -5.75
C TYR A 217 4.98 16.46 -4.56
N ASP A 218 5.38 17.70 -4.76
CA ASP A 218 5.27 18.74 -3.75
C ASP A 218 3.88 19.36 -3.88
N VAL A 219 3.05 19.19 -2.84
CA VAL A 219 1.66 19.57 -2.96
C VAL A 219 1.46 21.07 -3.07
N GLU A 220 2.45 21.87 -2.71
CA GLU A 220 2.37 23.31 -2.84
C GLU A 220 2.76 23.79 -4.24
N THR A 221 3.85 23.24 -4.80
CA THR A 221 4.33 23.68 -6.10
C THR A 221 3.72 22.90 -7.26
N GLU A 222 3.09 21.76 -6.98
CA GLU A 222 2.43 20.93 -7.98
C GLU A 222 3.40 20.34 -9.00
N THR A 223 4.65 20.13 -8.60
CA THR A 223 5.64 19.54 -9.47
C THR A 223 6.04 18.16 -8.96
N TRP A 224 6.44 17.29 -9.90
CA TRP A 224 7.08 16.02 -9.59
C TRP A 224 8.57 16.14 -9.89
N THR A 225 9.39 15.70 -8.94
CA THR A 225 10.83 15.76 -9.01
C THR A 225 11.38 14.38 -8.67
N PHE A 226 12.38 13.93 -9.43
CA PHE A 226 13.04 12.67 -9.08
C PHE A 226 14.00 12.86 -7.92
N VAL A 227 14.06 11.85 -7.05
CA VAL A 227 15.03 11.78 -5.97
C VAL A 227 15.96 10.61 -6.28
N ALA A 228 16.84 10.26 -5.34
CA ALA A 228 17.76 9.17 -5.58
C ALA A 228 16.98 7.89 -5.89
N PRO A 229 17.41 7.11 -6.87
CA PRO A 229 16.75 5.82 -7.13
C PRO A 229 17.08 4.78 -6.08
N MET A 230 16.17 3.82 -5.95
CA MET A 230 16.39 2.68 -5.06
C MET A 230 17.57 1.85 -5.61
N ARG A 231 18.14 1.04 -4.73
CA ARG A 231 19.16 0.12 -5.18
C ARG A 231 18.58 -0.92 -6.12
N HIS A 232 17.34 -1.35 -5.89
CA HIS A 232 16.74 -2.42 -6.66
C HIS A 232 15.55 -1.91 -7.46
N HIS A 233 15.42 -2.39 -8.69
CA HIS A 233 14.16 -2.24 -9.40
C HIS A 233 13.13 -3.08 -8.69
N ARG A 234 11.94 -2.51 -8.51
CA ARG A 234 10.90 -3.25 -7.80
C ARG A 234 9.53 -2.80 -8.29
N SER A 235 8.68 -3.78 -8.60
CA SER A 235 7.24 -3.57 -8.73
C SER A 235 6.48 -4.35 -7.66
N ALA A 236 5.26 -3.93 -7.39
CA ALA A 236 4.43 -4.56 -6.35
C ALA A 236 5.17 -4.62 -5.00
N LEU A 237 5.84 -3.54 -4.65
CA LEU A 237 6.53 -3.40 -3.39
C LEU A 237 5.57 -2.91 -2.30
N GLY A 238 5.93 -3.23 -1.07
CA GLY A 238 5.30 -2.60 0.07
C GLY A 238 6.05 -1.35 0.48
N ILE A 239 5.35 -0.42 1.12
CA ILE A 239 5.96 0.85 1.50
C ILE A 239 5.31 1.37 2.77
N THR A 240 6.12 2.03 3.59
CA THR A 240 5.57 2.77 4.70
C THR A 240 6.60 3.83 5.11
N VAL A 241 6.19 4.69 6.01
CA VAL A 241 7.08 5.71 6.55
C VAL A 241 7.18 5.49 8.04
N HIS A 242 8.37 5.68 8.58
CA HIS A 242 8.57 5.49 10.01
C HIS A 242 9.76 6.36 10.42
N GLN A 243 9.53 7.19 11.42
CA GLN A 243 10.52 8.11 11.96
C GLN A 243 11.27 8.86 10.87
N GLY A 244 10.50 9.40 9.94
CA GLY A 244 11.05 10.33 9.00
C GLY A 244 11.78 9.70 7.84
N LYS A 245 11.65 8.39 7.65
CA LYS A 245 12.31 7.69 6.57
C LYS A 245 11.30 6.78 5.88
N ILE A 246 11.51 6.55 4.59
CA ILE A 246 10.65 5.67 3.82
C ILE A 246 11.28 4.29 3.86
N TYR A 247 10.46 3.26 4.09
CA TYR A 247 10.90 1.89 3.98
C TYR A 247 10.16 1.23 2.83
N VAL A 248 10.88 0.56 1.96
CA VAL A 248 10.30 -0.23 0.88
C VAL A 248 10.64 -1.67 1.13
N LEU A 249 9.64 -2.54 0.96
CA LEU A 249 9.76 -3.95 1.32
C LEU A 249 9.41 -4.83 0.13
N GLY A 250 10.35 -5.71 -0.25
CA GLY A 250 10.06 -6.70 -1.24
C GLY A 250 9.73 -6.15 -2.61
N GLY A 251 8.91 -6.91 -3.32
CA GLY A 251 8.58 -6.61 -4.70
C GLY A 251 9.21 -7.59 -5.65
N TYR A 252 9.04 -7.31 -6.93
CA TYR A 252 9.53 -8.17 -8.00
C TYR A 252 10.45 -7.32 -8.86
N ASP A 253 11.65 -7.84 -9.15
CA ASP A 253 12.63 -7.05 -9.91
C ASP A 253 12.73 -7.48 -11.35
N GLY A 254 11.84 -8.34 -11.82
CA GLY A 254 11.90 -8.92 -13.14
C GLY A 254 12.60 -10.26 -13.19
N HIS A 255 13.16 -10.70 -12.07
CA HIS A 255 13.89 -11.97 -12.03
C HIS A 255 13.59 -12.73 -10.74
N THR A 256 13.56 -12.00 -9.63
CA THR A 256 13.42 -12.56 -8.30
C THR A 256 12.35 -11.79 -7.54
N PHE A 257 11.66 -12.51 -6.66
CA PHE A 257 10.87 -11.85 -5.63
C PHE A 257 11.79 -11.47 -4.48
N LEU A 258 11.89 -10.19 -4.22
CA LEU A 258 12.95 -9.66 -3.39
C LEU A 258 12.62 -9.83 -1.92
N ASP A 259 13.63 -10.13 -1.12
CA ASP A 259 13.51 -10.04 0.33
C ASP A 259 14.07 -8.72 0.86
N SER A 260 14.68 -7.91 0.00
N SER A 260 14.71 -7.90 0.03
CA SER A 260 15.33 -6.67 0.43
CA SER A 260 15.42 -6.75 0.57
C SER A 260 14.34 -5.71 1.07
C SER A 260 14.46 -5.65 0.99
N VAL A 261 14.82 -4.98 2.07
CA VAL A 261 14.14 -3.80 2.61
C VAL A 261 15.13 -2.66 2.53
N GLU A 262 14.74 -1.59 1.85
CA GLU A 262 15.56 -0.40 1.74
C GLU A 262 14.90 0.76 2.46
N CYS A 263 15.73 1.70 2.89
CA CYS A 263 15.31 2.84 3.69
C CYS A 263 15.84 4.10 3.05
N TYR A 264 14.94 5.05 2.79
CA TYR A 264 15.31 6.35 2.21
C TYR A 264 15.39 7.42 3.29
N ASP A 265 16.53 8.12 3.31
CA ASP A 265 16.77 9.26 4.20
C ASP A 265 16.63 10.53 3.38
N PRO A 266 15.60 11.35 3.60
CA PRO A 266 15.44 12.55 2.78
C PRO A 266 16.51 13.60 3.02
N ASP A 267 17.15 13.58 4.18
CA ASP A 267 18.15 14.61 4.50
C ASP A 267 19.39 14.44 3.64
N SER A 268 19.81 13.19 3.44
CA SER A 268 20.98 12.88 2.62
C SER A 268 20.59 12.48 1.19
N ASP A 269 19.30 12.27 0.91
CA ASP A 269 18.84 11.79 -0.40
C ASP A 269 19.56 10.51 -0.77
N THR A 270 19.52 9.53 0.15
CA THR A 270 20.17 8.25 -0.08
C THR A 270 19.28 7.11 0.37
N TRP A 271 19.43 5.99 -0.32
CA TRP A 271 18.80 4.74 0.07
C TRP A 271 19.85 3.79 0.63
N SER A 272 19.50 3.07 1.67
N SER A 272 19.49 3.08 1.69
CA SER A 272 20.39 2.05 2.23
CA SER A 272 20.36 2.07 2.28
C SER A 272 19.60 0.78 2.51
C SER A 272 19.58 0.79 2.47
N GLU A 273 20.26 -0.35 2.32
CA GLU A 273 19.65 -1.65 2.63
C GLU A 273 19.72 -1.84 4.12
N VAL A 274 18.58 -2.10 4.77
CA VAL A 274 18.55 -2.13 6.23
C VAL A 274 18.29 -3.52 6.80
N THR A 275 17.58 -4.38 6.08
CA THR A 275 17.28 -5.71 6.58
C THR A 275 16.76 -6.52 5.41
N ARG A 276 16.46 -7.79 5.66
CA ARG A 276 15.84 -8.65 4.68
C ARG A 276 14.64 -9.28 5.35
N MET A 277 13.53 -9.35 4.61
N MET A 277 13.55 -9.39 4.58
CA MET A 277 12.42 -10.14 5.09
CA MET A 277 12.41 -10.17 5.00
C MET A 277 12.83 -11.61 5.19
C MET A 277 12.82 -11.63 5.15
N THR A 278 11.99 -12.40 5.88
CA THR A 278 12.28 -13.80 6.07
C THR A 278 12.20 -14.60 4.79
N SER A 279 11.51 -14.09 3.77
CA SER A 279 11.49 -14.70 2.46
C SER A 279 11.10 -13.61 1.46
N GLY A 280 11.48 -13.82 0.20
CA GLY A 280 11.08 -12.87 -0.83
C GLY A 280 9.60 -12.96 -1.17
N ARG A 281 9.01 -11.81 -1.43
CA ARG A 281 7.58 -11.75 -1.74
C ARG A 281 7.25 -10.37 -2.32
N SER A 282 6.13 -10.33 -3.04
CA SER A 282 5.59 -9.09 -3.56
C SER A 282 4.14 -8.93 -3.09
N GLY A 283 3.58 -7.75 -3.35
CA GLY A 283 2.15 -7.56 -3.11
C GLY A 283 1.73 -7.57 -1.66
N VAL A 284 2.58 -7.10 -0.76
CA VAL A 284 2.29 -7.10 0.66
C VAL A 284 1.57 -5.82 1.07
N GLY A 285 0.86 -5.89 2.20
CA GLY A 285 0.34 -4.72 2.89
C GLY A 285 1.24 -4.38 4.06
N VAL A 286 1.48 -3.08 4.25
CA VAL A 286 2.46 -2.64 5.25
C VAL A 286 1.89 -1.49 6.04
N ALA A 287 2.09 -1.50 7.34
CA ALA A 287 1.72 -0.37 8.17
C ALA A 287 2.50 -0.44 9.48
N VAL A 288 2.39 0.62 10.26
CA VAL A 288 3.16 0.79 11.48
C VAL A 288 2.24 0.93 12.68
N THR A 289 2.47 0.13 13.71
CA THR A 289 1.75 0.29 14.98
C THR A 289 2.57 -0.32 16.10
N MET A 290 1.98 -0.33 17.30
CA MET A 290 2.70 -0.76 18.49
C MET A 290 3.09 -2.23 18.41
N GLU A 291 4.17 -2.58 19.09
CA GLU A 291 4.58 -3.96 19.19
C GLU A 291 3.51 -4.77 19.92
N PRO A 292 3.41 -6.06 19.62
CA PRO A 292 2.36 -6.89 20.20
C PRO A 292 2.76 -7.40 21.58
N CYS A 293 1.82 -8.06 22.24
CA CYS A 293 2.09 -8.65 23.54
C CYS A 293 2.17 -10.17 23.42
C1 A1IXZ B . 1.39 -9.85 -6.87
C2 A1IXZ B . 2.87 -10.30 -8.78
C4 A1IXZ B . 4.25 -11.56 -10.40
C5 A1IXZ B . 4.94 -10.25 -10.80
O6 A1IXZ B . -0.83 -4.88 -15.50
C7 A1IXZ B . 2.95 -9.03 -9.70
C9 A1IXZ B . -0.12 -7.51 -6.56
C11 A1IXZ B . 0.13 -6.21 -8.63
C13 A1IXZ B . 0.37 -4.80 -10.64
C15 A1IXZ B . 1.86 -5.26 -12.52
C16 A1IXZ B . 3.01 -4.69 -11.96
C19 A1IXZ B . 5.06 -8.13 -14.10
C21 A1IXZ B . 1.98 -6.42 -13.35
C22 A1IXZ B . -0.67 -4.82 -13.09
C23 A1IXZ B . -0.37 -4.34 -14.51
C24 A1IXZ B . 0.32 -3.67 -9.83
C25 A1IXZ B . 0.19 -3.77 -8.46
C26 A1IXZ B . 0.09 -5.01 -7.83
C27 A1IXZ B . -0.06 -5.08 -6.43
C10 A1IXZ B . 0.02 -7.45 -7.96
C12 A1IXZ B . 0.28 -6.08 -10.04
C14 A1IXZ B . 0.54 -4.58 -12.16
C17 A1IXZ B . 4.28 -5.21 -12.21
C18 A1IXZ B . 4.38 -6.32 -13.03
C20 A1IXZ B . 3.27 -6.92 -13.57
C28 A1IXZ B . -0.16 -6.32 -5.83
C3 A1IXZ B . 3.16 -11.53 -9.61
C6 A1IXZ B . 3.83 -9.18 -10.97
C8 A1IXZ B . 0.00 -9.96 -6.27
N1 A1IXZ B . 1.60 -10.36 -8.09
O1 A1IXZ B . 2.23 -9.31 -6.21
O2 A1IXZ B . -0.24 -8.63 -5.75
O3 A1IXZ B . 5.49 -6.99 -13.39
O4 A1IXZ B . 3.67 -7.98 -14.32
O5 A1IXZ B . 0.45 -3.26 -14.57
HC2 A1IXZ B . 3.69 -10.27 -8.05
HC4 A1IXZ B . 4.64 -12.49 -10.77
H52 A1IXZ B . 5.47 -10.39 -11.74
H51 A1IXZ B . 5.62 -9.95 -9.99
H72 A1IXZ B . 3.31 -8.18 -9.11
H71 A1IXZ B . 1.95 -8.73 -10.00
HC16 A1IXZ B . 2.92 -3.81 -11.33
H191 A1IXZ B . 5.24 -9.02 -13.50
H192 A1IXZ B . 5.58 -8.18 -15.05
HC21 A1IXZ B . 1.11 -6.88 -13.78
H222 A1IXZ B . -1.54 -4.29 -12.70
H221 A1IXZ B . -0.90 -5.89 -13.11
HC24 A1IXZ B . 0.38 -2.70 -10.28
HC25 A1IXZ B . 0.17 -2.88 -7.86
HC27 A1IXZ B . -0.10 -4.17 -5.85
HC10 A1IXZ B . 0.05 -8.38 -8.52
HC12 A1IXZ B . 0.31 -6.96 -10.66
HC14 A1IXZ B . 0.73 -3.52 -12.34
HC17 A1IXZ B . 5.15 -4.75 -11.77
HC28 A1IXZ B . -0.25 -6.38 -4.75
HC3 A1IXZ B . 2.49 -12.39 -9.58
H61 A1IXZ B . 3.21 -9.43 -11.83
H62 A1IXZ B . 4.29 -8.22 -11.22
H82 A1IXZ B . -0.02 -10.70 -5.47
H81 A1IXZ B . -0.73 -10.21 -7.04
HN1 A1IXZ B . 0.86 -10.81 -8.60
S SO4 C . -16.68 0.20 -10.84
O1 SO4 C . -15.85 1.21 -10.20
O2 SO4 C . -17.76 -0.20 -9.95
O3 SO4 C . -17.30 0.75 -12.06
O4 SO4 C . -15.92 -0.98 -11.19
S SO4 D . -12.18 26.73 -5.23
O1 SO4 D . -10.84 27.21 -5.36
O2 SO4 D . -12.41 26.34 -3.85
O3 SO4 D . -13.09 27.82 -5.63
O4 SO4 D . -12.38 25.52 -6.04
S SO4 E . 19.48 0.17 -15.08
O1 SO4 E . 20.80 0.55 -15.57
O2 SO4 E . 19.44 0.28 -13.61
O3 SO4 E . 18.48 1.09 -15.65
O4 SO4 E . 19.14 -1.20 -15.47
CL CL F . -1.85 3.94 8.03
CL CL G . -2.74 -10.77 -8.91
S DMS H . -14.98 -12.32 -0.33
O DMS H . -13.83 -11.53 0.22
C1 DMS H . -14.34 -13.94 -0.87
C2 DMS H . -15.52 -11.66 -1.93
H11 DMS H . -15.15 -14.56 -1.18
H12 DMS H . -13.83 -14.40 -0.07
H13 DMS H . -13.68 -13.80 -1.68
H21 DMS H . -16.21 -12.33 -2.38
H22 DMS H . -14.68 -11.54 -2.57
H23 DMS H . -15.98 -10.71 -1.79
S DMS I . -23.45 3.29 0.11
O DMS I . -24.39 3.24 1.28
C1 DMS I . -22.51 1.75 0.03
C2 DMS I . -24.41 3.15 -1.43
H11 DMS I . -22.16 1.50 1.00
H12 DMS I . -21.70 1.86 -0.62
H13 DMS I . -23.14 0.97 -0.33
H21 DMS I . -24.94 2.23 -1.43
H22 DMS I . -23.75 3.17 -2.26
H23 DMS I . -25.10 3.95 -1.49
S DMS J . -20.44 -8.96 5.45
O DMS J . -19.15 -9.60 5.09
C1 DMS J . -21.08 -8.03 4.02
C2 DMS J . -20.16 -7.56 6.58
H11 DMS J . -21.17 -8.68 3.20
H12 DMS J . -20.41 -7.24 3.79
H13 DMS J . -22.03 -7.63 4.26
H21 DMS J . -21.05 -7.33 7.09
H22 DMS J . -19.84 -6.72 6.02
H23 DMS J . -19.41 -7.83 7.28
S DMS K . -21.86 15.11 -4.24
O DMS K . -21.51 14.75 -2.83
C1 DMS K . -20.39 15.07 -5.32
C2 DMS K . -22.23 16.88 -4.33
H11 DMS K . -20.69 15.11 -6.33
H12 DMS K . -19.85 14.17 -5.15
H13 DMS K . -19.77 15.90 -5.09
H21 DMS K . -22.70 17.10 -5.26
H22 DMS K . -21.33 17.43 -4.25
H23 DMS K . -22.87 17.14 -3.53
S DMS L . 6.81 7.43 13.04
O DMS L . 6.07 6.19 13.46
C1 DMS L . 7.17 8.50 14.45
C2 DMS L . 5.69 8.56 12.15
H11 DMS L . 8.01 8.13 14.97
H12 DMS L . 6.34 8.53 15.11
H13 DMS L . 7.37 9.48 14.11
H21 DMS L . 5.52 8.18 11.17
H22 DMS L . 6.14 9.52 12.08
H23 DMS L . 4.78 8.64 12.67
#